data_3FLE
#
_entry.id   3FLE
#
_cell.length_a   92.722
_cell.length_b   41.458
_cell.length_c   153.996
_cell.angle_alpha   90.000
_cell.angle_beta   90.060
_cell.angle_gamma   90.000
#
_symmetry.space_group_name_H-M   'C 1 2 1'
#
loop_
_entity.id
_entity.type
_entity.pdbx_description
1 polymer 'SE_1780 protein'
2 water water
#
_entity_poly.entity_id   1
_entity_poly.type   'polypeptide(L)'
_entity_poly.pdbx_seq_one_letter_code
;SNAIKTTATLFLHGYGGSERSETF(MSE)VKQALNKNVTNEVITARVSSEGKVYFDKKLSEDAANPIVKVEFKDNKNGNF
KENAYWIKEVLSQLKSQFGIQQFNFVGHS(MSE)GN(MSE)SFAFY(MSE)KNYGDDRHLPQLKKEVNIAGVYNGILN
(MSE)NENVNEIIVDKQGKPSR(MSE)NAAYRQLLSLYKIYCGKEIEVLNIYGDLEDGSHSDGRVSNSSSQSLQYLLRGS
TKSYQE(MSE)KFKGAKAQHSQLHENKDVANEIIQFLWE
;
_entity_poly.pdbx_strand_id   A,B
#
# COMPACT_ATOMS: atom_id res chain seq x y z
N LYS A 5 -24.81 3.37 -6.79
CA LYS A 5 -24.18 2.21 -7.47
C LYS A 5 -24.38 0.94 -6.61
N THR A 6 -24.70 -0.18 -7.26
CA THR A 6 -25.12 -1.38 -6.52
C THR A 6 -23.98 -2.35 -6.18
N THR A 7 -23.97 -2.82 -4.92
CA THR A 7 -22.88 -3.61 -4.36
C THR A 7 -23.30 -4.97 -3.76
N ALA A 8 -23.16 -6.02 -4.57
CA ALA A 8 -23.49 -7.39 -4.16
C ALA A 8 -22.62 -7.83 -3.01
N THR A 9 -23.20 -8.49 -2.01
CA THR A 9 -22.44 -9.02 -0.87
C THR A 9 -22.40 -10.54 -0.92
N LEU A 10 -21.27 -11.10 -1.33
CA LEU A 10 -21.13 -12.54 -1.52
C LEU A 10 -20.75 -13.31 -0.24
N PHE A 11 -21.46 -14.39 0.04
CA PHE A 11 -21.19 -15.22 1.21
C PHE A 11 -20.65 -16.58 0.82
N LEU A 12 -19.42 -16.88 1.23
CA LEU A 12 -18.79 -18.16 0.89
C LEU A 12 -18.59 -19.09 2.08
N HIS A 13 -18.93 -20.37 1.88
CA HIS A 13 -18.85 -21.39 2.90
C HIS A 13 -17.45 -22.01 3.00
N GLY A 14 -17.09 -22.44 4.20
CA GLY A 14 -15.87 -23.20 4.41
C GLY A 14 -15.99 -24.61 3.85
N TYR A 15 -15.01 -25.45 4.16
CA TYR A 15 -14.92 -26.82 3.64
C TYR A 15 -16.13 -27.66 4.05
N GLY A 16 -16.67 -28.42 3.11
CA GLY A 16 -17.76 -29.32 3.42
C GLY A 16 -19.12 -28.67 3.35
N GLY A 17 -19.14 -27.34 3.44
CA GLY A 17 -20.38 -26.57 3.53
C GLY A 17 -21.13 -26.36 2.22
N SER A 18 -22.23 -25.60 2.33
CA SER A 18 -23.01 -25.15 1.17
C SER A 18 -23.73 -23.86 1.53
N GLU A 19 -24.70 -23.47 0.71
CA GLU A 19 -25.43 -22.22 0.94
C GLU A 19 -26.18 -22.21 2.28
N ARG A 20 -26.37 -23.39 2.86
CA ARG A 20 -27.09 -23.51 4.12
C ARG A 20 -26.20 -23.11 5.30
N SER A 21 -24.89 -23.07 5.07
CA SER A 21 -23.93 -22.61 6.07
C SER A 21 -23.99 -21.09 6.18
N GLU A 22 -24.50 -20.44 5.14
CA GLU A 22 -24.54 -18.98 5.05
C GLU A 22 -25.87 -18.40 5.53
N THR A 23 -26.88 -19.26 5.64
CA THR A 23 -28.26 -18.86 5.92
C THR A 23 -28.50 -18.05 7.21
N PHE A 24 -28.02 -18.55 8.34
CA PHE A 24 -28.31 -17.90 9.63
C PHE A 24 -27.88 -16.45 9.66
N MSE A 25 -26.82 -16.12 8.92
CA MSE A 25 -26.28 -14.77 8.95
C MSE A 25 -26.97 -13.84 7.96
O MSE A 25 -27.21 -12.68 8.29
CB MSE A 25 -24.76 -14.78 8.71
CG MSE A 25 -23.92 -15.24 9.89
SE MSE A 25 -22.05 -14.74 9.67
CE MSE A 25 -21.85 -15.26 7.80
N VAL A 26 -27.30 -14.32 6.76
CA VAL A 26 -28.10 -13.53 5.81
C VAL A 26 -29.55 -13.37 6.26
N LYS A 27 -30.06 -14.33 7.02
CA LYS A 27 -31.39 -14.24 7.60
C LYS A 27 -31.42 -13.16 8.68
N GLN A 28 -30.26 -12.85 9.23
CA GLN A 28 -30.17 -11.81 10.24
C GLN A 28 -30.11 -10.45 9.54
N ALA A 29 -29.67 -10.48 8.29
CA ALA A 29 -29.55 -9.30 7.45
C ALA A 29 -30.92 -8.86 6.94
N LEU A 30 -31.69 -9.81 6.42
CA LEU A 30 -33.04 -9.56 5.91
C LEU A 30 -33.97 -9.00 6.99
N ASN A 31 -33.89 -9.58 8.20
CA ASN A 31 -34.61 -9.08 9.37
C ASN A 31 -34.17 -7.66 9.77
N LYS A 32 -33.05 -7.21 9.20
CA LYS A 32 -32.55 -5.87 9.43
C LYS A 32 -32.86 -4.94 8.25
N ASN A 33 -33.75 -5.39 7.37
CA ASN A 33 -34.20 -4.62 6.20
C ASN A 33 -33.09 -4.37 5.17
N VAL A 34 -31.86 -4.68 5.53
CA VAL A 34 -30.71 -4.54 4.64
C VAL A 34 -31.11 -4.61 3.17
N THR A 35 -31.82 -5.68 2.80
CA THR A 35 -32.19 -5.88 1.39
C THR A 35 -33.30 -6.91 1.21
N ASN A 36 -33.99 -6.81 0.07
CA ASN A 36 -35.01 -7.78 -0.29
C ASN A 36 -34.47 -8.82 -1.27
N GLU A 37 -33.26 -8.56 -1.76
CA GLU A 37 -32.60 -9.44 -2.70
C GLU A 37 -31.72 -10.46 -2.00
N VAL A 38 -31.99 -11.74 -2.24
CA VAL A 38 -31.04 -12.82 -2.00
C VAL A 38 -31.14 -13.79 -3.16
N ILE A 39 -30.01 -14.30 -3.62
CA ILE A 39 -30.03 -15.31 -4.67
C ILE A 39 -28.88 -16.28 -4.46
N THR A 40 -28.95 -17.43 -5.11
CA THR A 40 -27.90 -18.43 -4.96
C THR A 40 -27.13 -18.56 -6.26
N ALA A 41 -25.81 -18.50 -6.12
CA ALA A 41 -24.89 -18.84 -7.18
C ALA A 41 -24.35 -20.24 -6.90
N ARG A 42 -24.66 -21.18 -7.78
CA ARG A 42 -24.11 -22.52 -7.67
C ARG A 42 -23.01 -22.75 -8.70
N VAL A 43 -21.91 -23.36 -8.27
CA VAL A 43 -20.81 -23.67 -9.16
C VAL A 43 -20.49 -25.17 -9.14
N SER A 44 -20.62 -25.83 -10.29
CA SER A 44 -20.38 -27.26 -10.40
C SER A 44 -18.94 -27.68 -10.01
N SER A 45 -18.45 -28.76 -10.62
CA SER A 45 -17.07 -29.21 -10.48
C SER A 45 -16.26 -28.60 -11.61
N GLU A 46 -16.87 -28.55 -12.79
CA GLU A 46 -16.28 -27.88 -13.94
C GLU A 46 -16.11 -26.38 -13.70
N GLY A 47 -17.08 -25.77 -13.02
CA GLY A 47 -17.04 -24.34 -12.75
C GLY A 47 -17.93 -23.54 -13.68
N LYS A 48 -19.08 -24.12 -14.04
CA LYS A 48 -20.16 -23.37 -14.68
C LYS A 48 -21.08 -22.85 -13.59
N VAL A 49 -21.60 -21.64 -13.78
CA VAL A 49 -22.33 -20.96 -12.71
C VAL A 49 -23.83 -20.81 -13.01
N TYR A 50 -24.66 -21.29 -12.10
CA TYR A 50 -26.11 -21.21 -12.26
C TYR A 50 -26.73 -20.36 -11.14
N PHE A 51 -27.40 -19.28 -11.52
CA PHE A 51 -28.14 -18.45 -10.57
C PHE A 51 -29.60 -18.88 -10.49
N ASP A 52 -30.08 -19.13 -9.27
CA ASP A 52 -31.46 -19.61 -9.05
C ASP A 52 -32.55 -18.57 -9.39
N LYS A 53 -32.25 -17.31 -9.11
CA LYS A 53 -33.15 -16.21 -9.39
C LYS A 53 -32.28 -15.12 -10.00
N LYS A 54 -32.90 -14.13 -10.64
CA LYS A 54 -32.16 -13.07 -11.29
C LYS A 54 -31.96 -11.84 -10.40
N LEU A 55 -31.40 -10.76 -10.94
CA LEU A 55 -31.08 -9.55 -10.17
C LEU A 55 -31.53 -8.24 -10.83
N SER A 56 -31.81 -7.23 -10.00
CA SER A 56 -32.28 -5.93 -10.46
C SER A 56 -31.47 -4.78 -9.87
N ALA A 59 -32.42 -3.07 -7.19
CA ALA A 59 -31.99 -3.94 -6.09
C ALA A 59 -30.85 -3.34 -5.24
N ALA A 60 -31.13 -3.14 -3.96
CA ALA A 60 -30.20 -2.46 -3.06
C ALA A 60 -29.59 -3.43 -2.04
N ASN A 61 -28.28 -3.28 -1.80
CA ASN A 61 -27.54 -4.15 -0.89
C ASN A 61 -27.79 -5.63 -1.15
N PRO A 62 -27.85 -6.03 -2.44
CA PRO A 62 -28.23 -7.43 -2.75
C PRO A 62 -27.27 -8.43 -2.12
N ILE A 63 -27.82 -9.53 -1.61
CA ILE A 63 -27.00 -10.58 -1.02
C ILE A 63 -26.95 -11.79 -1.94
N VAL A 64 -25.74 -12.26 -2.26
CA VAL A 64 -25.64 -13.50 -3.05
C VAL A 64 -24.87 -14.61 -2.34
N LYS A 65 -25.52 -15.77 -2.25
CA LYS A 65 -24.97 -16.95 -1.57
C LYS A 65 -24.28 -17.87 -2.58
N VAL A 66 -23.00 -18.13 -2.33
CA VAL A 66 -22.18 -18.93 -3.24
C VAL A 66 -22.00 -20.35 -2.72
N GLU A 67 -22.40 -21.32 -3.54
CA GLU A 67 -22.27 -22.74 -3.21
C GLU A 67 -21.46 -23.43 -4.32
N PHE A 68 -20.43 -24.17 -3.94
CA PHE A 68 -19.71 -24.99 -4.91
C PHE A 68 -20.21 -26.44 -4.82
N LYS A 69 -20.64 -27.00 -5.95
CA LYS A 69 -21.05 -28.41 -6.01
C LYS A 69 -19.90 -29.32 -5.58
N ASP A 70 -18.71 -29.09 -6.15
CA ASP A 70 -17.48 -29.76 -5.66
C ASP A 70 -16.92 -29.04 -4.44
N ASN A 71 -17.44 -29.40 -3.26
CA ASN A 71 -17.24 -28.63 -2.04
C ASN A 71 -16.22 -29.22 -1.10
N LYS A 72 -15.48 -30.21 -1.60
CA LYS A 72 -14.43 -30.88 -0.85
C LYS A 72 -13.09 -30.77 -1.59
N ASN A 73 -12.97 -29.71 -2.38
CA ASN A 73 -11.76 -29.44 -3.15
C ASN A 73 -10.81 -28.58 -2.33
N GLY A 74 -9.70 -29.17 -1.90
CA GLY A 74 -8.71 -28.46 -1.11
C GLY A 74 -7.73 -27.66 -1.94
N ASN A 75 -8.06 -27.46 -3.21
CA ASN A 75 -7.19 -26.74 -4.15
C ASN A 75 -7.52 -25.25 -4.23
N PHE A 76 -6.79 -24.44 -3.48
CA PHE A 76 -7.08 -23.01 -3.35
C PHE A 76 -7.19 -22.27 -4.66
N LYS A 77 -6.43 -22.71 -5.66
CA LYS A 77 -6.32 -22.00 -6.92
C LYS A 77 -7.52 -22.21 -7.83
N GLU A 78 -8.19 -23.36 -7.68
CA GLU A 78 -9.40 -23.61 -8.45
C GLU A 78 -10.64 -23.09 -7.75
N ASN A 79 -10.61 -23.05 -6.41
CA ASN A 79 -11.70 -22.46 -5.64
C ASN A 79 -11.60 -20.94 -5.57
N ALA A 80 -10.45 -20.42 -5.98
CA ALA A 80 -10.30 -18.98 -6.21
C ALA A 80 -10.54 -18.68 -7.69
N TYR A 81 -10.39 -19.69 -8.55
CA TYR A 81 -10.79 -19.54 -9.94
C TYR A 81 -12.31 -19.55 -10.02
N TRP A 82 -12.94 -20.34 -9.16
CA TRP A 82 -14.38 -20.39 -9.12
C TRP A 82 -14.91 -19.02 -8.70
N ILE A 83 -14.34 -18.46 -7.64
CA ILE A 83 -14.73 -17.14 -7.13
C ILE A 83 -14.77 -16.09 -8.22
N LYS A 84 -13.79 -16.12 -9.12
CA LYS A 84 -13.69 -15.20 -10.25
C LYS A 84 -14.74 -15.51 -11.32
N GLU A 85 -15.20 -16.75 -11.35
CA GLU A 85 -16.26 -17.17 -12.27
C GLU A 85 -17.63 -16.67 -11.84
N VAL A 86 -17.84 -16.52 -10.54
CA VAL A 86 -19.11 -16.02 -10.01
C VAL A 86 -19.15 -14.50 -10.13
N LEU A 87 -18.04 -13.86 -9.80
CA LEU A 87 -17.93 -12.42 -9.91
C LEU A 87 -18.12 -12.00 -11.36
N SER A 88 -17.50 -12.74 -12.27
CA SER A 88 -17.57 -12.43 -13.70
C SER A 88 -18.86 -12.90 -14.32
N GLN A 89 -19.67 -13.62 -13.56
CA GLN A 89 -21.00 -14.00 -14.03
C GLN A 89 -22.01 -12.98 -13.52
N LEU A 90 -21.76 -12.46 -12.33
CA LEU A 90 -22.59 -11.41 -11.76
C LEU A 90 -22.45 -10.07 -12.49
N LYS A 91 -21.37 -9.92 -13.27
CA LYS A 91 -21.14 -8.70 -14.03
C LYS A 91 -21.66 -8.87 -15.46
N SER A 92 -21.19 -9.90 -16.15
CA SER A 92 -21.64 -10.17 -17.51
C SER A 92 -23.16 -10.20 -17.63
N GLN A 93 -23.82 -10.62 -16.54
CA GLN A 93 -25.26 -10.79 -16.51
C GLN A 93 -25.96 -9.56 -15.93
N PHE A 94 -25.59 -9.21 -14.69
CA PHE A 94 -26.31 -8.19 -13.93
C PHE A 94 -25.54 -6.87 -13.83
N GLY A 95 -24.31 -6.83 -14.32
CA GLY A 95 -23.55 -5.60 -14.38
C GLY A 95 -22.89 -5.12 -13.09
N ILE A 96 -23.02 -5.89 -12.02
CA ILE A 96 -22.48 -5.50 -10.71
C ILE A 96 -20.98 -5.17 -10.79
N GLN A 97 -20.63 -3.97 -10.34
CA GLN A 97 -19.27 -3.45 -10.51
C GLN A 97 -18.46 -3.56 -9.23
N GLN A 98 -19.13 -3.58 -8.09
CA GLN A 98 -18.45 -3.78 -6.80
C GLN A 98 -19.14 -4.80 -5.91
N PHE A 99 -18.44 -5.28 -4.88
CA PHE A 99 -18.96 -6.32 -4.00
C PHE A 99 -18.30 -6.33 -2.62
N ASN A 100 -19.07 -6.68 -1.59
CA ASN A 100 -18.47 -7.09 -0.31
C ASN A 100 -18.27 -8.62 -0.31
N PHE A 101 -17.25 -9.10 0.41
CA PHE A 101 -17.06 -10.54 0.55
C PHE A 101 -17.01 -10.95 2.01
N VAL A 102 -17.78 -12.00 2.33
CA VAL A 102 -17.68 -12.63 3.65
C VAL A 102 -17.60 -14.15 3.48
N GLY A 103 -16.68 -14.77 4.19
CA GLY A 103 -16.42 -16.17 3.99
C GLY A 103 -16.24 -16.85 5.32
N HIS A 104 -16.50 -18.15 5.36
CA HIS A 104 -16.20 -18.93 6.55
C HIS A 104 -14.97 -19.81 6.35
N SER A 105 -14.10 -19.82 7.36
CA SER A 105 -12.81 -20.51 7.32
C SER A 105 -12.15 -20.56 5.93
N MSE A 106 -12.29 -21.71 5.26
CA MSE A 106 -11.56 -21.98 4.03
C MSE A 106 -12.10 -21.27 2.79
O MSE A 106 -11.46 -21.29 1.73
CB MSE A 106 -11.49 -23.48 3.76
CG MSE A 106 -11.03 -23.82 2.35
SE MSE A 106 -10.85 -25.72 2.00
CE MSE A 106 -11.58 -25.67 0.20
N GLY A 107 -13.26 -20.64 2.91
CA GLY A 107 -13.80 -19.85 1.82
C GLY A 107 -12.97 -18.58 1.72
N ASN A 108 -12.24 -18.28 2.80
CA ASN A 108 -11.38 -17.10 2.91
C ASN A 108 -9.96 -17.33 2.41
N MSE A 109 -9.49 -18.58 2.54
CA MSE A 109 -8.22 -18.99 1.99
C MSE A 109 -8.35 -19.12 0.48
O MSE A 109 -7.38 -19.02 -0.26
CB MSE A 109 -7.79 -20.32 2.62
CG MSE A 109 -6.35 -20.74 2.34
SE MSE A 109 -5.11 -19.31 2.76
CE MSE A 109 -3.61 -20.30 3.48
N SER A 110 -9.59 -19.30 0.01
CA SER A 110 -9.88 -19.34 -1.42
C SER A 110 -10.07 -17.93 -1.96
N PHE A 111 -10.31 -16.96 -1.07
CA PHE A 111 -10.47 -15.58 -1.52
C PHE A 111 -9.15 -14.81 -1.47
N ALA A 112 -8.19 -15.36 -0.72
CA ALA A 112 -6.83 -14.84 -0.73
C ALA A 112 -6.13 -15.30 -2.00
N PHE A 113 -6.58 -16.42 -2.54
CA PHE A 113 -6.01 -16.88 -3.81
C PHE A 113 -6.73 -16.27 -5.00
N TYR A 114 -7.95 -15.78 -4.76
CA TYR A 114 -8.67 -15.06 -5.80
C TYR A 114 -8.00 -13.71 -6.00
N MSE A 115 -7.83 -13.00 -4.90
CA MSE A 115 -7.23 -11.67 -4.92
C MSE A 115 -5.79 -11.69 -5.44
O MSE A 115 -5.32 -10.71 -5.99
CB MSE A 115 -7.27 -11.09 -3.51
CG MSE A 115 -8.66 -10.76 -3.01
SE MSE A 115 -9.23 -9.01 -3.63
CE MSE A 115 -9.55 -9.41 -5.52
N LYS A 116 -5.11 -12.82 -5.23
CA LYS A 116 -3.71 -12.99 -5.60
C LYS A 116 -3.56 -13.21 -7.11
N ASN A 117 -4.51 -13.93 -7.69
CA ASN A 117 -4.42 -14.27 -9.11
C ASN A 117 -5.31 -13.39 -9.98
N TYR A 118 -6.32 -12.76 -9.37
CA TYR A 118 -7.28 -11.94 -10.11
C TYR A 118 -7.50 -10.58 -9.45
N GLY A 119 -6.66 -10.24 -8.47
CA GLY A 119 -6.86 -9.05 -7.69
C GLY A 119 -6.43 -7.73 -8.32
N ASP A 120 -5.78 -7.78 -9.48
CA ASP A 120 -5.37 -6.57 -10.19
C ASP A 120 -6.16 -6.36 -11.49
N ASP A 121 -6.88 -7.38 -11.93
CA ASP A 121 -7.76 -7.22 -13.08
C ASP A 121 -8.79 -6.12 -12.79
N ARG A 122 -9.22 -5.43 -13.84
CA ARG A 122 -10.17 -4.34 -13.72
C ARG A 122 -11.52 -4.69 -14.34
N HIS A 123 -11.52 -5.66 -15.26
CA HIS A 123 -12.78 -6.08 -15.88
C HIS A 123 -13.59 -6.90 -14.86
N LEU A 124 -13.12 -6.95 -13.62
CA LEU A 124 -13.74 -7.77 -12.57
C LEU A 124 -14.34 -6.94 -11.43
N PRO A 125 -15.54 -7.31 -10.96
CA PRO A 125 -16.20 -6.53 -9.91
C PRO A 125 -15.23 -6.26 -8.77
N GLN A 126 -15.17 -5.01 -8.35
CA GLN A 126 -14.14 -4.55 -7.44
C GLN A 126 -14.54 -4.73 -5.98
N LEU A 127 -13.56 -5.07 -5.15
CA LEU A 127 -13.82 -5.27 -3.73
C LEU A 127 -14.01 -3.93 -3.02
N LYS A 128 -14.89 -3.91 -2.02
CA LYS A 128 -15.13 -2.71 -1.24
C LYS A 128 -14.87 -2.99 0.24
N LYS A 129 -15.59 -3.96 0.80
CA LYS A 129 -15.36 -4.38 2.18
C LYS A 129 -15.06 -5.88 2.25
N GLU A 130 -14.51 -6.32 3.38
CA GLU A 130 -14.15 -7.72 3.53
C GLU A 130 -14.32 -8.20 4.96
N VAL A 131 -15.13 -9.25 5.11
CA VAL A 131 -15.35 -9.86 6.41
C VAL A 131 -14.76 -11.28 6.39
N ASN A 132 -13.92 -11.57 7.39
CA ASN A 132 -13.22 -12.84 7.43
C ASN A 132 -13.53 -13.65 8.70
N ILE A 133 -14.30 -14.73 8.54
CA ILE A 133 -14.73 -15.54 9.66
C ILE A 133 -13.88 -16.81 9.81
N ALA A 134 -13.21 -16.93 10.96
CA ALA A 134 -12.25 -18.01 11.24
C ALA A 134 -11.27 -18.32 10.11
N GLY A 135 -10.68 -17.27 9.53
CA GLY A 135 -9.70 -17.40 8.47
C GLY A 135 -8.66 -18.44 8.82
N VAL A 136 -8.22 -19.22 7.84
CA VAL A 136 -7.30 -20.31 8.10
C VAL A 136 -5.94 -20.08 7.46
N TYR A 137 -5.45 -18.85 7.60
CA TYR A 137 -4.34 -18.34 6.79
C TYR A 137 -2.97 -18.99 6.98
N ASN A 138 -2.54 -19.15 8.22
CA ASN A 138 -1.27 -19.81 8.51
C ASN A 138 -1.45 -21.25 8.94
N GLY A 139 -2.34 -21.96 8.26
CA GLY A 139 -2.48 -23.39 8.49
C GLY A 139 -3.79 -23.76 9.14
N ILE A 140 -3.88 -25.04 9.50
CA ILE A 140 -5.00 -25.54 10.30
C ILE A 140 -4.47 -26.29 11.54
N LEU A 141 -5.26 -26.32 12.61
CA LEU A 141 -4.86 -27.08 13.78
C LEU A 141 -4.90 -28.56 13.43
N ASN A 142 -4.08 -29.36 14.11
CA ASN A 142 -4.00 -30.83 13.90
C ASN A 142 -3.82 -31.25 12.42
N MSE A 143 -3.12 -30.43 11.65
CA MSE A 143 -2.88 -30.68 10.23
C MSE A 143 -1.44 -30.30 9.81
O MSE A 143 -0.59 -31.18 9.65
CB MSE A 143 -3.88 -29.91 9.37
CG MSE A 143 -3.76 -30.17 7.88
SE MSE A 143 -4.96 -29.03 6.86
CE MSE A 143 -3.71 -27.74 6.09
N ASN A 144 -1.22 -29.00 9.64
CA ASN A 144 0.12 -28.46 9.38
C ASN A 144 0.51 -27.45 10.45
N GLU A 145 -0.10 -27.57 11.62
CA GLU A 145 0.21 -26.71 12.74
C GLU A 145 -0.25 -27.43 13.98
N ASN A 146 0.11 -26.90 15.14
CA ASN A 146 -0.37 -27.45 16.38
C ASN A 146 -0.85 -26.35 17.34
N VAL A 147 -1.48 -26.77 18.44
CA VAL A 147 -2.13 -25.84 19.36
C VAL A 147 -1.11 -25.01 20.15
N ASN A 148 -1.31 -23.70 20.16
CA ASN A 148 -0.38 -22.77 20.85
C ASN A 148 1.07 -22.83 20.35
N GLU A 149 1.27 -23.47 19.20
CA GLU A 149 2.60 -23.59 18.58
C GLU A 149 3.01 -22.27 17.92
N ILE A 150 2.23 -21.85 16.93
CA ILE A 150 2.55 -20.70 16.10
C ILE A 150 2.18 -19.40 16.79
N ILE A 151 2.95 -18.34 16.52
CA ILE A 151 2.81 -17.08 17.24
C ILE A 151 2.77 -15.87 16.31
N VAL A 152 2.08 -14.80 16.72
CA VAL A 152 2.06 -13.55 15.94
C VAL A 152 2.55 -12.33 16.74
N ASP A 153 3.34 -11.48 16.11
CA ASP A 153 3.83 -10.26 16.75
C ASP A 153 2.78 -9.14 16.69
N LYS A 154 3.25 -7.89 16.66
CA LYS A 154 2.36 -6.72 16.53
C LYS A 154 1.61 -6.75 15.20
N GLN A 155 2.36 -7.02 14.14
CA GLN A 155 1.90 -6.90 12.78
C GLN A 155 1.28 -8.21 12.27
N GLY A 156 1.01 -9.13 13.18
CA GLY A 156 0.41 -10.40 12.81
C GLY A 156 1.33 -11.32 12.02
N LYS A 157 2.63 -11.12 12.17
CA LYS A 157 3.64 -12.00 11.56
C LYS A 157 3.81 -13.29 12.37
N PRO A 158 3.65 -14.44 11.70
CA PRO A 158 3.69 -15.78 12.29
C PRO A 158 5.11 -16.16 12.76
N SER A 159 5.21 -16.82 13.92
CA SER A 159 6.49 -17.30 14.42
C SER A 159 7.01 -18.40 13.51
N ARG A 160 6.10 -18.92 12.69
CA ARG A 160 6.46 -19.88 11.65
C ARG A 160 5.35 -19.87 10.60
N MSE A 161 5.74 -19.89 9.33
CA MSE A 161 4.77 -19.74 8.25
C MSE A 161 4.62 -21.01 7.43
O MSE A 161 5.60 -21.63 7.03
CB MSE A 161 5.20 -18.59 7.34
CG MSE A 161 5.18 -17.25 8.04
SE MSE A 161 6.46 -15.99 7.29
CE MSE A 161 6.11 -16.30 5.41
N ASN A 162 3.37 -21.40 7.17
CA ASN A 162 3.10 -22.63 6.45
C ASN A 162 3.09 -22.48 4.94
N ALA A 163 3.08 -23.60 4.24
CA ALA A 163 3.13 -23.63 2.78
C ALA A 163 2.36 -22.47 2.14
N ALA A 164 1.03 -22.52 2.22
CA ALA A 164 0.17 -21.58 1.51
C ALA A 164 0.37 -20.12 1.93
N TYR A 165 0.57 -19.89 3.23
CA TYR A 165 0.78 -18.55 3.76
C TYR A 165 1.88 -17.82 3.02
N ARG A 166 2.83 -18.58 2.47
CA ARG A 166 4.03 -18.03 1.86
C ARG A 166 3.80 -17.57 0.43
N GLN A 167 3.04 -18.34 -0.34
CA GLN A 167 2.60 -17.91 -1.68
C GLN A 167 1.73 -16.64 -1.64
N LEU A 168 1.30 -16.26 -0.44
CA LEU A 168 0.42 -15.09 -0.25
C LEU A 168 1.12 -13.90 0.37
N LEU A 169 2.45 -13.89 0.38
CA LEU A 169 3.19 -12.81 1.01
C LEU A 169 3.04 -11.48 0.25
N SER A 170 3.04 -11.55 -1.07
CA SER A 170 2.90 -10.35 -1.89
C SER A 170 1.45 -9.96 -2.18
N LEU A 171 0.58 -10.16 -1.20
CA LEU A 171 -0.85 -9.92 -1.38
C LEU A 171 -1.22 -8.50 -0.98
N TYR A 172 -0.34 -7.84 -0.23
CA TYR A 172 -0.47 -6.41 0.04
C TYR A 172 -0.37 -5.63 -1.28
N LYS A 173 0.51 -6.07 -2.17
CA LYS A 173 0.65 -5.45 -3.49
C LYS A 173 -0.68 -5.30 -4.23
N ILE A 174 -1.65 -6.14 -3.87
CA ILE A 174 -2.96 -6.14 -4.51
C ILE A 174 -3.95 -5.24 -3.77
N TYR A 175 -3.85 -5.20 -2.44
CA TYR A 175 -4.78 -4.45 -1.60
C TYR A 175 -4.47 -2.96 -1.58
N CYS A 176 -3.18 -2.65 -1.75
CA CYS A 176 -2.67 -1.27 -1.79
C CYS A 176 -3.49 -0.35 -2.70
N GLY A 177 -3.91 0.78 -2.15
CA GLY A 177 -4.49 1.86 -2.94
C GLY A 177 -5.89 1.61 -3.47
N LYS A 178 -6.47 0.48 -3.08
CA LYS A 178 -7.85 0.13 -3.42
C LYS A 178 -8.79 0.44 -2.24
N GLU A 179 -8.25 1.05 -1.19
CA GLU A 179 -9.04 1.54 -0.03
C GLU A 179 -10.03 0.48 0.51
N ILE A 180 -9.62 -0.78 0.38
CA ILE A 180 -10.42 -1.90 0.84
C ILE A 180 -10.45 -2.01 2.36
N GLU A 181 -11.64 -1.98 2.96
CA GLU A 181 -11.77 -2.19 4.38
C GLU A 181 -11.83 -3.69 4.64
N VAL A 182 -11.29 -4.11 5.79
CA VAL A 182 -11.22 -5.52 6.16
C VAL A 182 -11.53 -5.68 7.64
N LEU A 183 -12.44 -6.60 7.94
CA LEU A 183 -12.78 -6.95 9.32
C LEU A 183 -12.48 -8.44 9.54
N ASN A 184 -11.81 -8.74 10.63
CA ASN A 184 -11.27 -10.07 10.89
C ASN A 184 -11.89 -10.61 12.15
N ILE A 185 -12.83 -11.55 11.96
CA ILE A 185 -13.59 -12.13 13.07
C ILE A 185 -13.15 -13.57 13.35
N TYR A 186 -12.73 -13.81 14.58
CA TYR A 186 -12.32 -15.14 15.03
C TYR A 186 -12.73 -15.34 16.49
N GLY A 187 -12.71 -16.60 16.96
CA GLY A 187 -13.13 -16.91 18.31
C GLY A 187 -12.07 -17.55 19.19
N ASP A 188 -12.13 -17.23 20.48
CA ASP A 188 -11.29 -17.81 21.52
C ASP A 188 -12.17 -18.53 22.53
N LEU A 189 -12.32 -19.85 22.38
CA LEU A 189 -13.21 -20.61 23.24
C LEU A 189 -12.95 -20.32 24.72
N GLU A 190 -11.69 -19.96 25.02
CA GLU A 190 -11.24 -19.62 26.37
C GLU A 190 -10.85 -20.87 27.16
N ASP A 191 -10.77 -21.99 26.46
CA ASP A 191 -10.51 -23.30 27.06
C ASP A 191 -9.02 -23.58 27.23
N GLY A 192 -8.19 -22.54 27.13
CA GLY A 192 -6.76 -22.69 27.32
C GLY A 192 -6.03 -23.07 26.05
N SER A 193 -6.72 -22.97 24.91
CA SER A 193 -6.12 -23.34 23.63
C SER A 193 -6.14 -22.23 22.58
N HIS A 194 -6.67 -21.06 22.93
CA HIS A 194 -6.68 -19.90 22.03
C HIS A 194 -7.11 -20.24 20.61
N SER A 195 -8.27 -20.87 20.45
CA SER A 195 -8.75 -21.30 19.14
C SER A 195 -10.28 -21.34 19.05
N ASP A 196 -10.81 -21.61 17.85
CA ASP A 196 -12.26 -21.74 17.67
C ASP A 196 -12.65 -23.22 17.58
N GLY A 197 -11.89 -24.05 18.30
CA GLY A 197 -12.10 -25.48 18.30
C GLY A 197 -11.38 -26.14 17.14
N ARG A 198 -11.33 -25.46 16.01
CA ARG A 198 -10.83 -26.06 14.77
C ARG A 198 -9.59 -25.36 14.21
N VAL A 199 -9.59 -24.04 14.28
CA VAL A 199 -8.53 -23.22 13.72
C VAL A 199 -7.86 -22.41 14.83
N SER A 200 -6.60 -22.02 14.62
CA SER A 200 -5.86 -21.25 15.61
C SER A 200 -6.13 -19.75 15.44
N ASN A 201 -6.15 -19.01 16.54
CA ASN A 201 -6.29 -17.55 16.48
C ASN A 201 -5.13 -16.90 15.72
N SER A 202 -3.91 -17.38 15.98
CA SER A 202 -2.72 -16.95 15.22
C SER A 202 -2.88 -17.18 13.72
N SER A 203 -3.58 -18.24 13.34
CA SER A 203 -3.80 -18.56 11.94
C SER A 203 -4.54 -17.43 11.21
N SER A 204 -5.71 -17.07 11.72
CA SER A 204 -6.52 -15.98 11.18
C SER A 204 -5.94 -14.60 11.52
N GLN A 205 -5.34 -14.48 12.70
CA GLN A 205 -4.70 -13.23 13.12
C GLN A 205 -3.50 -12.87 12.26
N SER A 206 -3.01 -13.86 11.51
CA SER A 206 -1.85 -13.69 10.64
C SER A 206 -2.26 -13.09 9.29
N LEU A 207 -3.53 -12.72 9.17
CA LEU A 207 -4.00 -11.98 8.01
C LEU A 207 -3.50 -10.54 8.05
N GLN A 208 -3.22 -10.05 9.26
CA GLN A 208 -2.84 -8.65 9.43
C GLN A 208 -1.47 -8.41 8.84
N TYR A 209 -0.70 -9.48 8.74
CA TYR A 209 0.63 -9.40 8.16
C TYR A 209 0.60 -9.64 6.64
N LEU A 210 -0.46 -10.29 6.16
CA LEU A 210 -0.67 -10.49 4.72
C LEU A 210 -1.12 -9.18 4.07
N LEU A 211 -1.75 -8.33 4.85
CA LEU A 211 -2.27 -7.04 4.36
C LEU A 211 -1.31 -5.89 4.66
N ARG A 212 -0.35 -6.14 5.55
CA ARG A 212 0.86 -5.33 5.70
C ARG A 212 0.63 -3.82 5.86
N GLY A 213 -0.55 -3.44 6.34
CA GLY A 213 -0.89 -2.03 6.48
C GLY A 213 -1.42 -1.36 5.22
N SER A 214 -1.77 -2.15 4.22
CA SER A 214 -2.21 -1.62 2.91
C SER A 214 -3.73 -1.56 2.72
N THR A 215 -4.51 -1.88 3.76
CA THR A 215 -5.95 -1.70 3.69
C THR A 215 -6.33 -0.30 4.15
N LYS A 216 -7.42 0.22 3.61
CA LYS A 216 -8.00 1.47 4.08
C LYS A 216 -8.33 1.37 5.56
N SER A 217 -8.65 0.15 5.99
CA SER A 217 -9.17 -0.09 7.33
C SER A 217 -8.85 -1.55 7.71
N TYR A 218 -8.37 -1.79 8.92
CA TYR A 218 -8.17 -3.17 9.39
C TYR A 218 -8.59 -3.35 10.85
N GLN A 219 -9.55 -4.24 11.08
CA GLN A 219 -9.99 -4.52 12.44
C GLN A 219 -10.04 -6.01 12.69
N GLU A 220 -9.83 -6.40 13.95
CA GLU A 220 -9.99 -7.78 14.37
C GLU A 220 -10.98 -7.84 15.53
N MSE A 221 -11.85 -8.86 15.53
CA MSE A 221 -12.76 -9.07 16.65
C MSE A 221 -12.58 -10.45 17.21
O MSE A 221 -12.78 -11.44 16.51
CB MSE A 221 -14.21 -8.87 16.21
CG MSE A 221 -14.41 -7.68 15.30
SE MSE A 221 -15.97 -6.65 15.81
CE MSE A 221 -16.32 -5.80 14.10
N LYS A 222 -12.20 -10.53 18.48
CA LYS A 222 -12.05 -11.83 19.13
C LYS A 222 -13.24 -12.13 20.02
N PHE A 223 -14.24 -12.80 19.44
CA PHE A 223 -15.42 -13.23 20.19
C PHE A 223 -14.97 -14.35 21.11
N LYS A 224 -15.50 -14.38 22.32
CA LYS A 224 -15.07 -15.36 23.30
C LYS A 224 -16.23 -16.20 23.79
N GLY A 225 -15.94 -17.43 24.19
CA GLY A 225 -16.95 -18.27 24.82
C GLY A 225 -17.49 -19.38 23.95
N ALA A 226 -18.45 -20.12 24.48
CA ALA A 226 -19.02 -21.27 23.80
C ALA A 226 -19.63 -20.89 22.47
N LYS A 227 -20.26 -19.72 22.42
CA LYS A 227 -20.92 -19.23 21.19
C LYS A 227 -19.88 -18.69 20.19
N ALA A 228 -18.61 -18.81 20.55
CA ALA A 228 -17.52 -18.35 19.68
C ALA A 228 -16.68 -19.52 19.18
N GLN A 229 -17.35 -20.65 18.93
CA GLN A 229 -16.69 -21.84 18.38
C GLN A 229 -16.80 -21.80 16.86
N HIS A 230 -15.93 -22.56 16.19
CA HIS A 230 -15.82 -22.51 14.72
C HIS A 230 -17.15 -22.38 13.99
N SER A 231 -18.02 -23.36 14.18
CA SER A 231 -19.33 -23.34 13.55
C SER A 231 -20.30 -22.42 14.29
N GLN A 232 -20.06 -22.22 15.59
CA GLN A 232 -20.85 -21.28 16.37
C GLN A 232 -20.70 -19.82 15.89
N LEU A 233 -19.71 -19.55 15.05
CA LEU A 233 -19.40 -18.19 14.63
C LEU A 233 -20.43 -17.63 13.67
N HIS A 234 -20.87 -18.48 12.75
CA HIS A 234 -21.88 -18.11 11.78
C HIS A 234 -23.28 -18.58 12.22
N GLU A 235 -23.42 -18.86 13.52
CA GLU A 235 -24.69 -19.22 14.15
C GLU A 235 -24.93 -18.38 15.41
N ASN A 236 -24.18 -17.27 15.49
CA ASN A 236 -24.30 -16.30 16.57
C ASN A 236 -24.96 -15.05 16.01
N LYS A 237 -25.72 -14.32 16.84
CA LYS A 237 -26.38 -13.10 16.39
C LYS A 237 -25.55 -11.88 16.71
N ASP A 238 -24.67 -12.00 17.70
CA ASP A 238 -23.80 -10.90 18.08
C ASP A 238 -22.65 -10.78 17.08
N VAL A 239 -22.40 -11.86 16.34
CA VAL A 239 -21.44 -11.85 15.23
C VAL A 239 -22.10 -11.33 13.96
N ALA A 240 -23.35 -11.73 13.73
CA ALA A 240 -24.04 -11.38 12.49
C ALA A 240 -24.40 -9.89 12.41
N ASN A 241 -24.57 -9.25 13.57
CA ASN A 241 -24.89 -7.83 13.60
C ASN A 241 -23.61 -7.03 13.45
N GLU A 242 -22.55 -7.55 14.04
CA GLU A 242 -21.20 -7.06 13.83
C GLU A 242 -20.93 -6.87 12.34
N ILE A 243 -21.34 -7.87 11.57
CA ILE A 243 -21.14 -7.88 10.11
C ILE A 243 -22.14 -6.99 9.35
N ILE A 244 -23.37 -6.91 9.87
CA ILE A 244 -24.41 -6.06 9.28
C ILE A 244 -23.99 -4.60 9.33
N GLN A 245 -23.55 -4.20 10.51
CA GLN A 245 -23.25 -2.82 10.82
C GLN A 245 -21.96 -2.38 10.12
N PHE A 246 -21.14 -3.36 9.73
CA PHE A 246 -19.88 -3.08 9.07
C PHE A 246 -20.10 -2.97 7.57
N LEU A 247 -20.87 -3.89 7.02
CA LEU A 247 -21.12 -3.90 5.59
C LEU A 247 -22.19 -2.90 5.19
N TRP A 248 -23.16 -2.67 6.07
CA TRP A 248 -24.39 -2.04 5.62
C TRP A 248 -24.87 -0.81 6.39
N GLU A 249 -24.53 -0.68 7.67
CA GLU A 249 -25.01 0.47 8.45
C GLU A 249 -24.19 1.74 8.24
N LYS B 5 20.66 -4.98 -14.25
CA LYS B 5 19.69 -3.96 -14.66
C LYS B 5 20.05 -2.61 -14.05
N THR B 6 20.48 -1.67 -14.89
CA THR B 6 21.11 -0.44 -14.40
C THR B 6 20.16 0.70 -13.95
N THR B 7 20.49 1.27 -12.79
CA THR B 7 19.76 2.36 -12.12
C THR B 7 20.59 3.67 -12.11
N ALA B 8 20.05 4.70 -12.74
CA ALA B 8 20.64 6.03 -12.67
C ALA B 8 20.09 6.71 -11.42
N THR B 9 20.87 7.59 -10.82
CA THR B 9 20.40 8.36 -9.67
C THR B 9 20.36 9.79 -10.11
N LEU B 10 19.18 10.41 -9.99
CA LEU B 10 18.97 11.81 -10.32
C LEU B 10 19.08 12.69 -9.09
N PHE B 11 19.92 13.72 -9.16
CA PHE B 11 19.95 14.75 -8.12
C PHE B 11 19.17 15.96 -8.59
N LEU B 12 18.40 16.55 -7.67
CA LEU B 12 17.68 17.77 -7.97
C LEU B 12 17.81 18.75 -6.82
N HIS B 13 18.22 19.97 -7.18
CA HIS B 13 18.32 21.15 -6.30
C HIS B 13 16.94 21.70 -5.88
N GLY B 14 16.97 22.78 -5.12
CA GLY B 14 15.75 23.47 -4.73
C GLY B 14 15.59 24.78 -5.47
N TYR B 15 14.67 25.62 -5.01
CA TYR B 15 14.48 26.95 -5.61
C TYR B 15 15.76 27.78 -5.58
N GLY B 16 16.12 28.32 -6.72
CA GLY B 16 17.32 29.12 -6.84
C GLY B 16 18.64 28.38 -6.98
N GLY B 17 18.60 27.05 -6.97
CA GLY B 17 19.82 26.26 -7.01
C GLY B 17 20.24 25.83 -8.41
N SER B 18 21.31 25.03 -8.50
CA SER B 18 21.78 24.55 -9.80
C SER B 18 22.53 23.26 -9.58
N GLU B 19 23.11 22.71 -10.64
CA GLU B 19 23.93 21.51 -10.48
C GLU B 19 24.99 21.77 -9.40
N ARG B 20 25.27 23.03 -9.12
CA ARG B 20 26.28 23.40 -8.15
C ARG B 20 25.89 22.95 -6.75
N SER B 21 24.58 22.97 -6.49
CA SER B 21 23.98 22.57 -5.22
C SER B 21 24.15 21.09 -4.90
N GLU B 22 24.38 20.30 -5.94
CA GLU B 22 24.47 18.85 -5.83
C GLU B 22 25.91 18.34 -5.97
N THR B 23 26.84 19.25 -6.28
CA THR B 23 28.24 18.90 -6.51
C THR B 23 28.99 18.27 -5.32
N PHE B 24 28.68 18.71 -4.10
CA PHE B 24 29.38 18.18 -2.94
C PHE B 24 29.05 16.70 -2.72
N MSE B 25 27.77 16.37 -2.71
CA MSE B 25 27.35 14.98 -2.53
C MSE B 25 27.81 14.12 -3.68
O MSE B 25 28.20 12.98 -3.49
CB MSE B 25 25.82 14.88 -2.38
CG MSE B 25 25.25 15.76 -1.26
SE MSE B 25 23.34 15.59 -0.99
CE MSE B 25 22.64 16.60 -2.51
N VAL B 26 27.76 14.67 -4.90
CA VAL B 26 28.22 13.92 -6.08
C VAL B 26 29.74 13.66 -6.00
N LYS B 27 30.47 14.62 -5.46
CA LYS B 27 31.90 14.47 -5.25
C LYS B 27 32.17 13.37 -4.24
N GLN B 28 31.39 13.34 -3.17
CA GLN B 28 31.54 12.36 -2.09
C GLN B 28 31.28 10.93 -2.58
N ALA B 29 30.25 10.79 -3.40
CA ALA B 29 29.94 9.54 -4.10
C ALA B 29 31.09 9.14 -5.04
N LEU B 30 31.72 10.10 -5.72
CA LEU B 30 32.90 9.80 -6.56
C LEU B 30 34.15 9.51 -5.72
N ASN B 31 34.28 10.17 -4.58
CA ASN B 31 35.36 9.87 -3.64
C ASN B 31 35.31 8.45 -3.06
N LYS B 32 34.10 8.01 -2.69
CA LYS B 32 33.82 6.66 -2.23
C LYS B 32 33.77 5.64 -3.37
N ASN B 33 34.18 6.05 -4.57
CA ASN B 33 34.16 5.18 -5.76
C ASN B 33 32.84 4.45 -6.02
N VAL B 34 31.79 5.23 -6.23
CA VAL B 34 30.42 4.74 -6.43
C VAL B 34 30.12 4.55 -7.91
N THR B 35 30.86 5.29 -8.72
CA THR B 35 30.62 5.35 -10.14
C THR B 35 31.75 6.14 -10.78
N ASN B 36 31.85 6.04 -12.10
CA ASN B 36 32.78 6.86 -12.84
C ASN B 36 32.02 7.75 -13.83
N GLU B 37 30.70 7.54 -13.90
CA GLU B 37 29.85 8.19 -14.89
C GLU B 37 28.94 9.24 -14.27
N VAL B 38 29.13 10.49 -14.68
CA VAL B 38 28.29 11.57 -14.15
C VAL B 38 27.95 12.57 -15.22
N ILE B 39 26.67 12.69 -15.55
CA ILE B 39 26.26 13.67 -16.53
C ILE B 39 25.37 14.73 -15.92
N THR B 40 25.25 15.84 -16.63
CA THR B 40 24.41 16.95 -16.21
C THR B 40 23.29 17.09 -17.22
N ALA B 41 22.06 17.09 -16.69
CA ALA B 41 20.86 17.27 -17.48
C ALA B 41 20.36 18.67 -17.23
N ARG B 42 20.46 19.52 -18.24
CA ARG B 42 19.99 20.90 -18.11
C ARG B 42 18.66 21.05 -18.86
N VAL B 43 17.59 21.28 -18.10
CA VAL B 43 16.25 21.47 -18.65
C VAL B 43 16.05 22.95 -18.98
N SER B 44 15.61 23.22 -20.20
CA SER B 44 15.39 24.60 -20.64
C SER B 44 14.09 25.20 -20.10
N SER B 45 14.08 26.54 -20.07
CA SER B 45 12.89 27.32 -19.76
C SER B 45 11.68 26.68 -20.42
N GLU B 46 11.90 26.05 -21.57
CA GLU B 46 10.83 25.45 -22.38
C GLU B 46 10.75 23.92 -22.22
N GLY B 47 11.43 23.40 -21.20
CA GLY B 47 11.35 21.98 -20.85
C GLY B 47 12.27 21.10 -21.67
N LYS B 48 13.09 21.73 -22.51
CA LYS B 48 14.02 21.03 -23.39
C LYS B 48 15.23 20.54 -22.61
N VAL B 49 15.72 19.37 -22.98
CA VAL B 49 16.67 18.63 -22.16
C VAL B 49 18.01 18.42 -22.88
N TYR B 50 19.10 18.82 -22.22
CA TYR B 50 20.44 18.73 -22.80
C TYR B 50 21.38 17.99 -21.84
N PHE B 51 21.85 16.83 -22.30
CA PHE B 51 22.83 16.03 -21.58
C PHE B 51 24.23 16.45 -22.00
N ASP B 52 25.04 16.93 -21.05
CA ASP B 52 26.39 17.40 -21.33
C ASP B 52 27.35 16.31 -21.86
N LYS B 53 27.03 15.05 -21.59
CA LYS B 53 27.75 13.92 -22.15
C LYS B 53 26.74 12.80 -22.33
N LYS B 54 27.21 11.68 -22.86
CA LYS B 54 26.35 10.53 -23.06
C LYS B 54 26.77 9.45 -22.09
N LEU B 55 25.81 8.66 -21.60
CA LEU B 55 26.09 7.50 -20.73
C LEU B 55 26.46 6.25 -21.54
N SER B 56 27.19 5.32 -20.92
CA SER B 56 27.59 4.07 -21.58
C SER B 56 26.61 2.93 -21.31
N ALA B 59 28.56 1.38 -18.11
CA ALA B 59 28.35 2.38 -17.05
C ALA B 59 27.58 1.83 -15.84
N ALA B 60 28.27 1.78 -14.69
CA ALA B 60 27.66 1.31 -13.46
C ALA B 60 27.34 2.50 -12.58
N ASN B 61 26.17 2.44 -11.92
CA ASN B 61 25.74 3.48 -10.99
C ASN B 61 25.87 4.91 -11.51
N PRO B 62 25.32 5.17 -12.72
CA PRO B 62 25.49 6.50 -13.31
C PRO B 62 24.74 7.57 -12.54
N ILE B 63 25.40 8.70 -12.28
CA ILE B 63 24.75 9.80 -11.56
C ILE B 63 24.34 10.87 -12.53
N VAL B 64 23.10 11.34 -12.41
CA VAL B 64 22.63 12.45 -13.26
C VAL B 64 22.29 13.70 -12.44
N LYS B 65 23.13 14.73 -12.58
CA LYS B 65 22.88 16.02 -11.94
C LYS B 65 21.87 16.83 -12.73
N VAL B 66 20.65 16.89 -12.22
CA VAL B 66 19.56 17.59 -12.85
C VAL B 66 19.58 19.08 -12.51
N GLU B 67 19.40 19.91 -13.52
CA GLU B 67 19.43 21.33 -13.28
C GLU B 67 18.34 22.02 -14.06
N PHE B 68 17.54 22.81 -13.35
CA PHE B 68 16.51 23.60 -14.03
C PHE B 68 17.08 24.98 -14.30
N LYS B 69 17.14 25.34 -15.58
CA LYS B 69 17.54 26.68 -16.00
C LYS B 69 16.57 27.72 -15.42
N ASP B 70 15.29 27.34 -15.33
CA ASP B 70 14.27 28.12 -14.64
C ASP B 70 14.15 27.62 -13.20
N ASN B 71 15.12 28.00 -12.37
CA ASN B 71 15.34 27.43 -11.06
C ASN B 71 14.58 28.14 -9.98
N LYS B 72 13.90 29.23 -10.36
CA LYS B 72 12.93 29.90 -9.50
C LYS B 72 11.52 29.82 -10.09
N ASN B 73 10.96 28.63 -10.18
CA ASN B 73 9.63 28.43 -10.75
C ASN B 73 8.82 27.70 -9.70
N GLY B 74 7.92 28.42 -9.02
CA GLY B 74 7.21 27.88 -7.88
C GLY B 74 6.04 26.99 -8.25
N ASN B 75 5.88 26.76 -9.55
CA ASN B 75 4.82 25.94 -10.11
C ASN B 75 5.25 24.48 -10.13
N PHE B 76 4.78 23.70 -9.14
CA PHE B 76 5.23 22.34 -8.93
C PHE B 76 4.83 21.42 -10.06
N LYS B 77 3.76 21.81 -10.75
CA LYS B 77 3.20 21.04 -11.87
C LYS B 77 4.14 21.13 -13.06
N GLU B 78 4.62 22.36 -13.28
CA GLU B 78 5.58 22.65 -14.31
C GLU B 78 6.92 21.97 -14.04
N ASN B 79 7.40 22.06 -12.80
CA ASN B 79 8.65 21.39 -12.41
C ASN B 79 8.61 19.87 -12.44
N ALA B 80 7.43 19.31 -12.20
CA ALA B 80 7.20 17.86 -12.23
C ALA B 80 7.34 17.34 -13.64
N TYR B 81 6.89 18.15 -14.61
CA TYR B 81 6.92 17.82 -16.03
C TYR B 81 8.34 17.77 -16.59
N TRP B 82 9.16 18.75 -16.25
CA TRP B 82 10.55 18.76 -16.65
C TRP B 82 11.28 17.51 -16.15
N ILE B 83 10.90 17.03 -14.97
CA ILE B 83 11.43 15.79 -14.41
C ILE B 83 11.04 14.61 -15.28
N LYS B 84 9.78 14.55 -15.70
CA LYS B 84 9.30 13.54 -16.64
C LYS B 84 10.09 13.59 -17.94
N GLU B 85 10.31 14.80 -18.43
CA GLU B 85 11.17 15.10 -19.58
C GLU B 85 12.59 14.54 -19.42
N VAL B 86 13.22 14.81 -18.28
CA VAL B 86 14.51 14.23 -17.95
C VAL B 86 14.44 12.71 -18.02
N LEU B 87 13.43 12.16 -17.36
CA LEU B 87 13.28 10.71 -17.27
C LEU B 87 12.88 10.05 -18.60
N SER B 88 11.98 10.67 -19.34
CA SER B 88 11.59 10.16 -20.65
C SER B 88 12.85 10.00 -21.51
N GLN B 89 13.64 11.06 -21.58
CA GLN B 89 14.84 11.12 -22.39
C GLN B 89 15.96 10.21 -21.92
N LEU B 90 16.19 10.14 -20.61
CA LEU B 90 17.12 9.14 -20.07
C LEU B 90 16.84 7.74 -20.64
N LYS B 91 15.56 7.33 -20.60
CA LYS B 91 15.08 6.06 -21.15
C LYS B 91 15.22 5.98 -22.68
N SER B 92 14.75 7.01 -23.38
CA SER B 92 14.71 7.02 -24.85
C SER B 92 16.09 7.12 -25.49
N GLN B 93 17.05 7.74 -24.80
CA GLN B 93 18.41 7.90 -25.34
C GLN B 93 19.37 6.79 -24.92
N PHE B 94 19.32 6.41 -23.65
CA PHE B 94 20.33 5.53 -23.05
C PHE B 94 19.77 4.22 -22.50
N GLY B 95 18.47 4.01 -22.61
CA GLY B 95 17.87 2.75 -22.19
C GLY B 95 17.71 2.59 -20.69
N ILE B 96 17.71 3.70 -19.95
CA ILE B 96 17.54 3.67 -18.50
C ILE B 96 16.12 3.26 -18.08
N GLN B 97 16.03 2.16 -17.34
CA GLN B 97 14.74 1.53 -17.04
C GLN B 97 14.32 1.74 -15.60
N GLN B 98 15.28 2.07 -14.74
CA GLN B 98 15.00 2.34 -13.34
C GLN B 98 15.83 3.54 -12.89
N PHE B 99 15.46 4.14 -11.75
CA PHE B 99 16.13 5.34 -11.27
C PHE B 99 16.03 5.55 -9.75
N ASN B 100 17.00 6.26 -9.18
CA ASN B 100 16.88 6.75 -7.81
C ASN B 100 16.68 8.27 -7.85
N PHE B 101 16.24 8.84 -6.73
CA PHE B 101 16.00 10.28 -6.63
C PHE B 101 16.59 10.81 -5.34
N VAL B 102 17.44 11.82 -5.48
CA VAL B 102 17.96 12.60 -4.37
C VAL B 102 17.49 14.02 -4.62
N GLY B 103 16.80 14.59 -3.63
CA GLY B 103 16.22 15.89 -3.79
C GLY B 103 16.41 16.76 -2.57
N HIS B 104 16.41 18.06 -2.81
CA HIS B 104 16.61 19.00 -1.73
C HIS B 104 15.51 20.05 -1.74
N SER B 105 15.03 20.39 -0.56
CA SER B 105 13.99 21.41 -0.36
C SER B 105 12.86 21.31 -1.41
N MSE B 106 12.76 22.28 -2.31
CA MSE B 106 11.66 22.31 -3.29
C MSE B 106 11.70 21.21 -4.34
O MSE B 106 10.66 20.86 -4.88
CB MSE B 106 11.55 23.66 -4.02
CG MSE B 106 10.32 23.77 -4.95
SE MSE B 106 10.01 25.51 -5.78
CE MSE B 106 11.17 25.25 -7.29
N GLY B 107 12.86 20.67 -4.66
CA GLY B 107 12.93 19.60 -5.64
C GLY B 107 12.15 18.37 -5.21
N ASN B 108 12.05 18.17 -3.90
CA ASN B 108 11.31 17.08 -3.31
C ASN B 108 9.83 17.16 -3.56
N MSE B 109 9.32 18.38 -3.53
CA MSE B 109 7.92 18.66 -3.71
C MSE B 109 7.55 18.47 -5.18
O MSE B 109 6.49 17.94 -5.47
CB MSE B 109 7.61 20.09 -3.23
CG MSE B 109 6.21 20.54 -3.49
SE MSE B 109 4.90 19.81 -2.24
CE MSE B 109 4.77 21.38 -1.09
N SER B 110 8.44 18.87 -6.07
CA SER B 110 8.24 18.73 -7.52
C SER B 110 8.22 17.25 -7.90
N PHE B 111 9.15 16.48 -7.34
CA PHE B 111 9.18 15.05 -7.57
C PHE B 111 7.91 14.37 -7.05
N ALA B 112 7.39 14.81 -5.89
CA ALA B 112 6.14 14.29 -5.35
C ALA B 112 5.00 14.47 -6.35
N PHE B 113 4.93 15.66 -6.94
CA PHE B 113 3.99 15.95 -8.01
C PHE B 113 4.37 15.19 -9.30
N TYR B 114 5.63 14.79 -9.42
CA TYR B 114 6.02 13.92 -10.53
C TYR B 114 5.38 12.56 -10.36
N MSE B 115 5.42 12.05 -9.14
CA MSE B 115 4.83 10.74 -8.87
C MSE B 115 3.31 10.87 -8.98
O MSE B 115 2.66 10.07 -9.63
CB MSE B 115 5.26 10.26 -7.47
CG MSE B 115 6.74 9.86 -7.36
SE MSE B 115 7.32 8.48 -8.64
CE MSE B 115 6.55 6.90 -7.78
N LYS B 116 2.76 11.92 -8.36
CA LYS B 116 1.33 12.17 -8.38
C LYS B 116 0.79 12.08 -9.81
N ASN B 117 1.54 12.61 -10.77
CA ASN B 117 1.03 12.83 -12.13
C ASN B 117 1.44 11.82 -13.17
N TYR B 118 2.60 11.19 -12.98
CA TYR B 118 3.20 10.31 -13.98
C TYR B 118 3.66 8.99 -13.41
N GLY B 119 3.55 8.83 -12.09
CA GLY B 119 4.02 7.64 -11.38
C GLY B 119 3.44 6.32 -11.85
N ASP B 120 2.26 6.35 -12.44
CA ASP B 120 1.63 5.12 -12.92
C ASP B 120 1.79 4.97 -14.42
N ASP B 121 2.59 5.86 -15.01
CA ASP B 121 2.96 5.74 -16.42
C ASP B 121 4.08 4.70 -16.56
N ARG B 122 3.68 3.47 -16.88
CA ARG B 122 4.62 2.36 -17.00
C ARG B 122 5.62 2.53 -18.13
N HIS B 123 5.42 3.54 -18.97
CA HIS B 123 6.34 3.79 -20.06
C HIS B 123 7.57 4.59 -19.64
N LEU B 124 7.58 5.06 -18.40
CA LEU B 124 8.70 5.82 -17.84
C LEU B 124 9.62 4.91 -17.03
N PRO B 125 10.85 5.38 -16.73
CA PRO B 125 11.71 4.57 -15.87
C PRO B 125 11.03 4.43 -14.52
N GLN B 126 11.39 3.39 -13.77
CA GLN B 126 10.69 3.06 -12.55
C GLN B 126 11.52 3.35 -11.30
N LEU B 127 10.90 3.97 -10.31
CA LEU B 127 11.58 4.48 -9.12
C LEU B 127 11.94 3.37 -8.15
N LYS B 128 13.18 3.39 -7.66
CA LYS B 128 13.67 2.32 -6.79
C LYS B 128 13.95 2.86 -5.38
N LYS B 129 14.88 3.79 -5.27
CA LYS B 129 15.20 4.40 -3.98
C LYS B 129 15.03 5.92 -4.04
N GLU B 130 14.41 6.47 -3.02
CA GLU B 130 14.14 7.88 -2.99
C GLU B 130 14.77 8.45 -1.74
N VAL B 131 15.51 9.54 -1.90
CA VAL B 131 16.12 10.27 -0.80
C VAL B 131 15.63 11.70 -0.88
N ASN B 132 15.05 12.19 0.20
CA ASN B 132 14.59 13.57 0.26
C ASN B 132 15.36 14.25 1.38
N ILE B 133 16.04 15.36 1.07
CA ILE B 133 16.70 16.16 2.09
C ILE B 133 15.93 17.49 2.23
N ALA B 134 15.60 17.89 3.45
CA ALA B 134 14.81 19.09 3.72
C ALA B 134 13.49 19.18 2.94
N GLY B 135 12.67 18.13 3.02
CA GLY B 135 11.40 18.06 2.31
C GLY B 135 10.45 19.18 2.72
N VAL B 136 9.65 19.66 1.77
CA VAL B 136 8.84 20.85 2.01
C VAL B 136 7.35 20.60 1.78
N TYR B 137 6.94 19.34 1.93
CA TYR B 137 5.61 18.88 1.56
C TYR B 137 4.44 19.66 2.15
N ASN B 138 4.53 20.04 3.41
CA ASN B 138 3.48 20.79 4.07
C ASN B 138 3.82 22.28 4.32
N GLY B 139 4.63 22.87 3.47
CA GLY B 139 4.83 24.31 3.53
C GLY B 139 6.14 24.80 4.06
N ILE B 140 6.32 26.13 3.95
CA ILE B 140 7.57 26.80 4.33
C ILE B 140 7.41 27.82 5.47
N LEU B 141 8.34 27.77 6.42
CA LEU B 141 8.31 28.63 7.60
C LEU B 141 8.24 30.10 7.22
N ASN B 142 7.26 30.81 7.77
CA ASN B 142 7.11 32.25 7.54
C ASN B 142 6.57 32.58 6.14
N MSE B 143 6.14 31.53 5.43
CA MSE B 143 5.37 31.66 4.21
C MSE B 143 3.91 31.25 4.49
O MSE B 143 3.01 32.09 4.52
CB MSE B 143 5.96 30.79 3.10
CG MSE B 143 5.15 30.79 1.83
SE MSE B 143 6.11 29.94 0.35
CE MSE B 143 5.41 28.14 0.49
N ASN B 144 3.70 29.95 4.71
CA ASN B 144 2.38 29.40 5.04
C ASN B 144 2.41 28.55 6.32
N GLU B 145 3.32 28.88 7.22
CA GLU B 145 3.55 28.08 8.42
C GLU B 145 4.36 28.93 9.42
N ASN B 146 4.04 28.80 10.71
CA ASN B 146 4.77 29.51 11.76
C ASN B 146 5.67 28.58 12.57
N VAL B 147 6.85 29.06 12.97
CA VAL B 147 7.72 28.33 13.91
C VAL B 147 6.93 27.56 14.97
N ASN B 148 7.25 26.27 15.11
CA ASN B 148 6.60 25.39 16.09
C ASN B 148 5.06 25.34 16.09
N GLU B 149 4.43 25.80 15.00
CA GLU B 149 2.98 25.84 14.91
C GLU B 149 2.35 24.45 14.73
N ILE B 150 2.66 23.85 13.58
CA ILE B 150 2.13 22.55 13.18
C ILE B 150 2.86 21.39 13.86
N ILE B 151 2.09 20.47 14.43
CA ILE B 151 2.64 19.27 15.03
C ILE B 151 2.16 18.03 14.27
N VAL B 152 3.08 17.11 13.93
CA VAL B 152 2.73 15.92 13.15
C VAL B 152 2.56 14.67 14.02
N ASP B 153 2.12 13.57 13.40
CA ASP B 153 1.90 12.29 14.08
C ASP B 153 3.17 11.53 14.40
N LYS B 154 2.97 10.29 14.82
CA LYS B 154 3.99 9.26 14.79
C LYS B 154 3.89 8.68 13.39
N GLN B 155 2.69 8.77 12.83
CA GLN B 155 2.43 8.36 11.46
C GLN B 155 2.64 9.48 10.44
N GLY B 156 3.08 10.65 10.91
CA GLY B 156 3.40 11.76 10.02
C GLY B 156 2.29 12.77 9.68
N LYS B 157 1.07 12.55 10.15
CA LYS B 157 -0.05 13.45 9.86
C LYS B 157 0.12 14.83 10.51
N PRO B 158 0.01 15.89 9.70
CA PRO B 158 0.14 17.25 10.25
C PRO B 158 -1.18 17.71 10.89
N SER B 159 -1.07 18.44 12.01
CA SER B 159 -2.24 18.98 12.69
C SER B 159 -2.99 20.00 11.82
N ARG B 160 -2.28 20.62 10.88
CA ARG B 160 -2.90 21.45 9.85
C ARG B 160 -2.27 21.13 8.53
N MSE B 161 -3.09 20.99 7.49
CA MSE B 161 -2.59 20.69 6.15
C MSE B 161 -2.63 21.88 5.22
O MSE B 161 -3.66 22.53 5.07
CB MSE B 161 -3.39 19.55 5.50
CG MSE B 161 -3.10 18.19 6.07
SE MSE B 161 -4.36 16.87 5.38
CE MSE B 161 -3.84 15.38 6.50
N ASN B 162 -1.51 22.17 4.57
CA ASN B 162 -1.47 23.24 3.59
C ASN B 162 -2.05 22.82 2.23
N ALA B 163 -2.19 23.79 1.33
CA ALA B 163 -2.91 23.55 0.08
C ALA B 163 -2.22 22.51 -0.81
N ALA B 164 -0.90 22.61 -0.93
CA ALA B 164 -0.11 21.66 -1.72
C ALA B 164 -0.18 20.26 -1.15
N TYR B 165 -0.04 20.16 0.17
CA TYR B 165 -0.12 18.88 0.85
C TYR B 165 -1.42 18.14 0.56
N ARG B 166 -2.54 18.86 0.67
CA ARG B 166 -3.84 18.28 0.42
C ARG B 166 -3.96 17.76 -1.00
N GLN B 167 -3.17 18.29 -1.92
CA GLN B 167 -3.20 17.81 -3.31
C GLN B 167 -2.42 16.51 -3.50
N LEU B 168 -1.72 16.09 -2.45
CA LEU B 168 -0.87 14.90 -2.50
C LEU B 168 -1.40 13.80 -1.61
N LEU B 169 -2.63 13.93 -1.14
CA LEU B 169 -3.15 12.93 -0.21
C LEU B 169 -3.29 11.57 -0.88
N SER B 170 -3.54 11.56 -2.18
CA SER B 170 -3.65 10.30 -2.94
C SER B 170 -2.31 9.66 -3.31
N LEU B 171 -1.22 10.41 -3.10
CA LEU B 171 0.10 9.98 -3.57
C LEU B 171 0.38 8.51 -3.23
N TYR B 172 0.08 8.09 -2.00
CA TYR B 172 0.32 6.70 -1.61
C TYR B 172 -0.14 5.66 -2.66
N LYS B 173 -1.27 5.95 -3.30
CA LYS B 173 -1.88 5.09 -4.33
C LYS B 173 -0.97 4.83 -5.54
N ILE B 174 0.10 5.62 -5.63
CA ILE B 174 1.08 5.55 -6.71
C ILE B 174 2.23 4.63 -6.31
N TYR B 175 2.58 4.68 -5.02
CA TYR B 175 3.75 3.98 -4.52
C TYR B 175 3.42 2.52 -4.25
N CYS B 176 2.17 2.15 -4.55
CA CYS B 176 1.63 0.85 -4.18
C CYS B 176 2.26 -0.33 -4.88
N GLY B 177 2.80 -1.27 -4.08
CA GLY B 177 3.37 -2.49 -4.61
C GLY B 177 4.44 -2.25 -5.67
N LYS B 178 5.08 -1.09 -5.59
CA LYS B 178 6.16 -0.73 -6.49
C LYS B 178 7.53 -1.01 -5.88
N GLU B 179 7.54 -1.41 -4.60
CA GLU B 179 8.76 -1.77 -3.89
C GLU B 179 9.79 -0.66 -3.73
N ILE B 180 9.31 0.55 -3.43
CA ILE B 180 10.19 1.70 -3.20
C ILE B 180 10.73 1.76 -1.75
N GLU B 181 11.97 2.18 -1.61
CA GLU B 181 12.54 2.52 -0.32
C GLU B 181 12.70 4.04 -0.27
N VAL B 182 12.38 4.64 0.88
CA VAL B 182 12.46 6.08 1.02
C VAL B 182 13.34 6.40 2.21
N LEU B 183 14.22 7.39 2.00
CA LEU B 183 15.04 7.94 3.07
C LEU B 183 14.69 9.41 3.02
N ASN B 184 14.31 9.94 4.19
CA ASN B 184 13.82 11.30 4.35
C ASN B 184 14.74 11.95 5.37
N ILE B 185 15.66 12.81 4.89
CA ILE B 185 16.64 13.46 5.76
C ILE B 185 16.24 14.93 6.05
N TYR B 186 16.30 15.33 7.33
CA TYR B 186 16.09 16.73 7.72
C TYR B 186 17.07 17.12 8.84
N GLY B 187 17.24 18.41 9.06
CA GLY B 187 18.05 18.89 10.14
C GLY B 187 17.30 19.70 11.17
N ASP B 188 17.80 19.69 12.38
CA ASP B 188 17.28 20.49 13.48
C ASP B 188 18.47 21.32 13.95
N LEU B 189 18.40 22.63 13.73
CA LEU B 189 19.42 23.55 14.22
C LEU B 189 19.56 23.46 15.74
N GLU B 190 18.55 22.88 16.40
CA GLU B 190 18.53 22.77 17.86
C GLU B 190 18.54 24.12 18.57
N ASP B 191 17.90 25.11 17.95
CA ASP B 191 17.88 26.49 18.44
C ASP B 191 16.49 26.93 18.92
N GLY B 192 15.61 25.96 19.19
CA GLY B 192 14.25 26.29 19.58
C GLY B 192 13.22 26.23 18.46
N SER B 193 13.68 26.18 17.19
CA SER B 193 12.81 26.26 16.00
C SER B 193 12.31 24.95 15.40
N HIS B 194 12.89 23.81 15.82
CA HIS B 194 12.62 22.50 15.21
C HIS B 194 12.55 22.56 13.69
N SER B 195 13.60 23.11 13.12
CA SER B 195 13.73 23.35 11.68
C SER B 195 15.22 23.40 11.40
N ASP B 196 15.57 23.48 10.11
CA ASP B 196 16.97 23.58 9.73
C ASP B 196 17.27 25.04 9.47
N GLY B 197 16.34 25.90 9.89
CA GLY B 197 16.46 27.33 9.74
C GLY B 197 15.58 27.87 8.62
N ARG B 198 15.02 26.97 7.82
CA ARG B 198 14.14 27.34 6.71
C ARG B 198 12.92 26.40 6.58
N VAL B 199 13.15 25.11 6.77
CA VAL B 199 12.06 24.14 6.66
C VAL B 199 11.86 23.45 8.00
N SER B 200 10.63 23.50 8.52
CA SER B 200 10.34 22.88 9.80
C SER B 200 10.41 21.35 9.66
N ASN B 201 10.87 20.69 10.71
CA ASN B 201 10.97 19.23 10.73
C ASN B 201 9.60 18.59 10.51
N SER B 202 8.54 19.25 11.00
CA SER B 202 7.17 18.81 10.78
C SER B 202 6.80 18.68 9.31
N SER B 203 7.11 19.71 8.53
CA SER B 203 6.84 19.70 7.09
C SER B 203 7.59 18.54 6.44
N SER B 204 8.79 18.27 6.94
CA SER B 204 9.60 17.18 6.39
C SER B 204 9.04 15.81 6.75
N GLN B 205 8.76 15.57 8.03
CA GLN B 205 8.25 14.30 8.52
C GLN B 205 6.84 13.95 8.03
N SER B 206 6.14 14.98 7.53
CA SER B 206 4.76 14.84 7.01
C SER B 206 4.67 13.95 5.76
N LEU B 207 5.80 13.72 5.10
CA LEU B 207 5.89 12.78 3.99
C LEU B 207 5.38 11.38 4.32
N GLN B 208 5.58 10.95 5.57
CA GLN B 208 5.21 9.59 5.93
C GLN B 208 3.73 9.36 5.68
N TYR B 209 2.91 10.30 6.13
CA TYR B 209 1.47 10.22 5.93
C TYR B 209 1.04 10.21 4.45
N LEU B 210 1.67 11.04 3.63
CA LEU B 210 1.37 11.08 2.19
C LEU B 210 1.60 9.74 1.53
N LEU B 211 2.51 8.97 2.12
CA LEU B 211 2.87 7.67 1.58
C LEU B 211 2.03 6.55 2.19
N ARG B 212 1.58 6.75 3.43
CA ARG B 212 0.58 5.92 4.08
C ARG B 212 0.80 4.41 3.86
N GLY B 213 1.61 3.79 4.72
CA GLY B 213 1.94 2.38 4.59
C GLY B 213 1.78 1.86 3.18
N SER B 214 2.71 2.24 2.31
CA SER B 214 2.69 1.85 0.89
C SER B 214 4.09 1.66 0.37
N THR B 215 5.09 1.96 1.19
CA THR B 215 6.47 1.76 0.76
C THR B 215 6.97 0.40 1.19
N LYS B 216 8.19 0.10 0.76
CA LYS B 216 8.92 -1.07 1.21
C LYS B 216 9.68 -0.68 2.48
N SER B 217 10.43 0.40 2.38
CA SER B 217 11.19 0.96 3.49
C SER B 217 10.79 2.44 3.66
N TYR B 218 10.64 2.88 4.91
CA TYR B 218 10.58 4.31 5.20
C TYR B 218 11.42 4.67 6.41
N GLN B 219 12.48 5.43 6.19
CA GLN B 219 13.42 5.77 7.23
C GLN B 219 13.64 7.28 7.30
N GLU B 220 13.69 7.81 8.52
CA GLU B 220 13.99 9.22 8.77
C GLU B 220 15.31 9.37 9.51
N MSE B 221 16.13 10.33 9.08
CA MSE B 221 17.27 10.75 9.89
C MSE B 221 17.16 12.23 10.17
O MSE B 221 17.04 13.03 9.25
CB MSE B 221 18.60 10.43 9.20
CG MSE B 221 18.76 8.98 8.80
SE MSE B 221 20.37 8.73 7.76
CE MSE B 221 20.14 6.88 7.19
N LYS B 222 17.21 12.58 11.46
CA LYS B 222 17.30 13.97 11.85
C LYS B 222 18.73 14.26 12.21
N PHE B 223 19.40 15.11 11.42
CA PHE B 223 20.74 15.52 11.78
C PHE B 223 20.60 16.73 12.68
N LYS B 224 21.58 16.95 13.54
CA LYS B 224 21.41 17.91 14.63
C LYS B 224 22.53 18.93 14.76
N GLY B 225 22.17 20.19 14.99
CA GLY B 225 23.18 21.19 15.22
C GLY B 225 23.46 22.01 13.99
N ALA B 226 24.61 22.68 13.96
CA ALA B 226 24.95 23.69 12.96
C ALA B 226 25.19 23.09 11.57
N LYS B 227 25.53 21.81 11.54
CA LYS B 227 25.80 21.12 10.29
C LYS B 227 24.51 20.52 9.72
N ALA B 228 23.41 20.69 10.44
CA ALA B 228 22.10 20.31 9.95
C ALA B 228 21.39 21.52 9.39
N GLN B 229 22.14 22.60 9.20
CA GLN B 229 21.54 23.81 8.66
C GLN B 229 21.07 23.48 7.25
N HIS B 230 19.92 24.04 6.87
CA HIS B 230 19.29 23.81 5.57
C HIS B 230 20.26 23.48 4.40
N SER B 231 21.22 24.37 4.19
CA SER B 231 22.11 24.30 3.04
C SER B 231 23.26 23.36 3.28
N GLN B 232 23.73 23.33 4.52
CA GLN B 232 24.85 22.48 4.89
C GLN B 232 24.48 21.02 4.86
N LEU B 233 23.19 20.70 5.02
CA LEU B 233 22.72 19.33 4.91
C LEU B 233 23.12 18.64 3.59
N HIS B 234 23.37 19.42 2.54
CA HIS B 234 23.93 18.84 1.31
C HIS B 234 25.42 19.22 1.08
N GLU B 235 26.05 19.73 2.13
CA GLU B 235 27.49 19.99 2.17
C GLU B 235 28.09 19.40 3.44
N ASN B 236 27.51 18.26 3.83
CA ASN B 236 27.75 17.60 5.12
C ASN B 236 28.22 16.16 4.84
N LYS B 237 29.44 15.79 5.26
CA LYS B 237 29.97 14.48 4.88
C LYS B 237 29.18 13.32 5.43
N ASP B 238 28.66 13.49 6.64
CA ASP B 238 27.88 12.44 7.30
C ASP B 238 26.56 12.15 6.60
N VAL B 239 25.93 13.18 6.06
CA VAL B 239 24.70 13.07 5.29
C VAL B 239 24.98 12.36 3.99
N ALA B 240 26.04 12.78 3.31
CA ALA B 240 26.39 12.18 2.02
C ALA B 240 26.81 10.72 2.18
N ASN B 241 27.41 10.39 3.31
CA ASN B 241 27.85 9.01 3.57
C ASN B 241 26.67 8.09 3.88
N GLU B 242 25.65 8.62 4.54
CA GLU B 242 24.49 7.80 4.85
C GLU B 242 23.62 7.58 3.61
N ILE B 243 23.65 8.55 2.70
CA ILE B 243 22.96 8.47 1.41
C ILE B 243 23.64 7.43 0.49
N ILE B 244 24.97 7.46 0.44
CA ILE B 244 25.77 6.50 -0.32
C ILE B 244 25.51 5.06 0.17
N GLN B 245 25.40 4.91 1.48
CA GLN B 245 25.15 3.61 2.07
C GLN B 245 23.75 3.08 1.76
N PHE B 246 22.75 3.96 1.82
CA PHE B 246 21.38 3.61 1.50
C PHE B 246 21.26 3.29 0.01
N LEU B 247 21.91 4.12 -0.79
CA LEU B 247 21.80 4.07 -2.24
C LEU B 247 22.64 2.96 -2.92
N TRP B 248 23.88 2.75 -2.46
CA TRP B 248 24.77 1.95 -3.28
C TRP B 248 25.55 0.81 -2.60
N GLU B 249 25.44 0.70 -1.28
CA GLU B 249 26.14 -0.38 -0.56
C GLU B 249 25.22 -1.52 -0.12
#